data_8FIQ
#
_entry.id   8FIQ
#
_cell.length_a   71.882
_cell.length_b   71.882
_cell.length_c   127.640
_cell.angle_alpha   90.000
_cell.angle_beta   90.000
_cell.angle_gamma   90.000
#
_symmetry.space_group_name_H-M   'P 43 21 2'
#
_entity_poly.entity_id   1
_entity_poly.type   'polypeptide(L)'
_entity_poly.pdbx_seq_one_letter_code
;MSGTEDERRELEKVARKAIEAAREGNTDEVREQLQRALEIARESGSEEAFKLALEVVRRVAEVAARAGNVEAVKEALRVA
LEIVKEAMELIKDPEAIVRLALEAVRVVAEVAARAGAVEAVKVALRVALEIAKIAGTEEAVRLALEVVKRVSDIAKKAGN
EDAVKEAEEVRKKIEEESGGSGMEEARKELTREMIEVLREIEEGFKERFE
;
_entity_poly.pdbx_strand_id   A,B
#
# COMPACT_ATOMS: atom_id res chain seq x y z
N GLU A 5 0.81 12.43 -21.54
CA GLU A 5 1.54 12.96 -20.39
C GLU A 5 2.96 12.40 -20.32
N ASP A 6 3.94 13.31 -20.26
CA ASP A 6 5.34 12.91 -20.17
C ASP A 6 5.75 12.53 -18.76
N GLU A 7 4.93 12.82 -17.75
CA GLU A 7 5.27 12.43 -16.38
C GLU A 7 5.08 10.93 -16.17
N ARG A 8 4.16 10.31 -16.92
CA ARG A 8 3.89 8.89 -16.74
C ARG A 8 5.05 8.04 -17.25
N ARG A 9 5.63 8.40 -18.39
CA ARG A 9 6.66 7.58 -19.01
C ARG A 9 7.99 7.64 -18.27
N GLU A 10 8.09 8.47 -17.23
CA GLU A 10 9.23 8.50 -16.32
C GLU A 10 9.14 7.41 -15.26
N LEU A 11 7.94 7.17 -14.72
CA LEU A 11 7.79 6.15 -13.70
C LEU A 11 7.92 4.75 -14.28
N GLU A 12 7.57 4.57 -15.56
CA GLU A 12 7.72 3.26 -16.17
C GLU A 12 9.19 2.89 -16.32
N LYS A 13 10.04 3.86 -16.64
CA LYS A 13 11.47 3.59 -16.76
C LYS A 13 12.07 3.19 -15.42
N VAL A 14 11.72 3.93 -14.36
CA VAL A 14 12.23 3.61 -13.03
C VAL A 14 11.56 2.36 -12.46
N ALA A 15 10.41 1.95 -13.02
CA ALA A 15 9.78 0.72 -12.59
C ALA A 15 10.51 -0.50 -13.13
N ARG A 16 10.86 -0.47 -14.42
CA ARG A 16 11.64 -1.56 -15.00
C ARG A 16 12.98 -1.72 -14.29
N LYS A 17 13.59 -0.61 -13.87
CA LYS A 17 14.87 -0.68 -13.18
C LYS A 17 14.71 -1.08 -11.72
N ALA A 18 13.56 -0.80 -11.12
CA ALA A 18 13.34 -1.18 -9.72
C ALA A 18 12.92 -2.64 -9.60
N ILE A 19 12.10 -3.14 -10.52
CA ILE A 19 11.70 -4.54 -10.46
C ILE A 19 12.85 -5.45 -10.90
N GLU A 20 13.74 -4.95 -11.77
CA GLU A 20 14.91 -5.74 -12.15
C GLU A 20 15.85 -5.93 -10.95
N ALA A 21 16.07 -4.87 -10.19
CA ALA A 21 16.92 -4.97 -9.01
C ALA A 21 16.27 -5.78 -7.90
N ALA A 22 14.94 -5.93 -7.93
CA ALA A 22 14.27 -6.72 -6.91
C ALA A 22 14.49 -8.22 -7.11
N ARG A 23 14.76 -8.64 -8.34
CA ARG A 23 15.01 -10.04 -8.66
C ARG A 23 16.46 -10.43 -8.41
N GLU A 24 17.41 -9.65 -8.95
CA GLU A 24 18.82 -9.97 -8.82
C GLU A 24 19.36 -9.74 -7.41
N GLY A 25 18.59 -9.10 -6.53
CA GLY A 25 19.02 -8.86 -5.18
C GLY A 25 19.69 -7.53 -4.93
N ASN A 26 19.66 -6.61 -5.90
CA ASN A 26 20.28 -5.29 -5.75
C ASN A 26 19.32 -4.40 -4.95
N THR A 27 19.34 -4.59 -3.63
CA THR A 27 18.44 -3.83 -2.77
C THR A 27 18.81 -2.35 -2.75
N ASP A 28 20.07 -2.01 -2.99
CA ASP A 28 20.47 -0.60 -3.01
C ASP A 28 19.87 0.12 -4.21
N GLU A 29 19.84 -0.54 -5.37
CA GLU A 29 19.19 0.07 -6.53
C GLU A 29 17.69 0.23 -6.33
N VAL A 30 17.08 -0.69 -5.57
CA VAL A 30 15.65 -0.57 -5.28
C VAL A 30 15.38 0.69 -4.45
N ARG A 31 16.25 0.98 -3.49
CA ARG A 31 16.09 2.18 -2.68
C ARG A 31 16.21 3.45 -3.52
N GLU A 32 17.08 3.44 -4.53
CA GLU A 32 17.29 4.62 -5.35
C GLU A 32 16.10 4.86 -6.28
N GLN A 33 15.62 3.80 -6.94
CA GLN A 33 14.53 3.96 -7.89
C GLN A 33 13.21 4.25 -7.18
N LEU A 34 12.99 3.63 -6.01
CA LEU A 34 11.78 3.92 -5.25
C LEU A 34 11.79 5.37 -4.75
N GLN A 35 12.94 5.85 -4.31
CA GLN A 35 13.04 7.24 -3.89
C GLN A 35 12.95 8.19 -5.07
N ARG A 36 13.38 7.75 -6.25
CA ARG A 36 13.24 8.58 -7.46
C ARG A 36 11.78 8.71 -7.86
N ALA A 37 11.05 7.60 -7.88
CA ALA A 37 9.62 7.64 -8.20
C ALA A 37 8.86 8.54 -7.22
N LEU A 38 9.31 8.60 -5.98
CA LEU A 38 8.74 9.55 -5.03
C LEU A 38 8.99 10.98 -5.49
N GLU A 39 10.22 11.28 -5.92
CA GLU A 39 10.54 12.62 -6.39
C GLU A 39 9.80 12.96 -7.67
N ILE A 40 9.56 11.98 -8.54
CA ILE A 40 8.80 12.24 -9.77
C ILE A 40 7.38 12.65 -9.43
N ALA A 41 6.75 11.93 -8.51
CA ALA A 41 5.38 12.25 -8.11
C ALA A 41 5.34 13.51 -7.27
N ARG A 42 6.38 13.78 -6.48
CA ARG A 42 6.40 14.97 -5.63
C ARG A 42 6.54 16.25 -6.45
N GLU A 43 7.29 16.21 -7.55
CA GLU A 43 7.52 17.42 -8.33
C GLU A 43 6.25 17.86 -9.05
N SER A 44 5.53 16.92 -9.67
CA SER A 44 4.36 17.29 -10.45
C SER A 44 3.23 17.78 -9.56
N GLY A 45 2.87 16.99 -8.55
CA GLY A 45 1.82 17.35 -7.63
C GLY A 45 0.46 16.78 -7.96
N SER A 46 0.26 16.27 -9.17
CA SER A 46 -1.02 15.71 -9.56
C SER A 46 -1.28 14.39 -8.85
N GLU A 47 -2.55 14.12 -8.56
CA GLU A 47 -2.93 12.87 -7.91
C GLU A 47 -2.54 11.65 -8.74
N GLU A 48 -2.58 11.77 -10.07
CA GLU A 48 -2.22 10.65 -10.94
C GLU A 48 -0.77 10.24 -10.72
N ALA A 49 0.13 11.21 -10.55
CA ALA A 49 1.53 10.88 -10.32
C ALA A 49 1.74 10.26 -8.94
N PHE A 50 1.12 10.85 -7.91
CA PHE A 50 1.14 10.22 -6.60
C PHE A 50 0.53 8.82 -6.65
N LYS A 51 -0.51 8.66 -7.45
CA LYS A 51 -1.10 7.33 -7.64
C LYS A 51 -0.15 6.40 -8.37
N LEU A 52 0.32 6.81 -9.55
CA LEU A 52 1.18 5.97 -10.36
C LEU A 52 2.41 5.49 -9.59
N ALA A 53 2.86 6.26 -8.60
CA ALA A 53 3.96 5.81 -7.77
C ALA A 53 3.57 4.62 -6.90
N LEU A 54 2.29 4.53 -6.53
CA LEU A 54 1.85 3.40 -5.71
C LEU A 54 1.87 2.10 -6.49
N GLU A 55 1.58 2.15 -7.80
CA GLU A 55 1.71 0.96 -8.63
C GLU A 55 3.15 0.46 -8.63
N VAL A 56 4.11 1.38 -8.73
CA VAL A 56 5.52 1.00 -8.69
C VAL A 56 5.88 0.41 -7.34
N VAL A 57 5.37 1.00 -6.26
CA VAL A 57 5.61 0.45 -4.92
C VAL A 57 5.00 -0.93 -4.81
N ARG A 58 3.79 -1.12 -5.33
CA ARG A 58 3.15 -2.42 -5.29
C ARG A 58 3.82 -3.41 -6.24
N ARG A 59 4.30 -2.92 -7.39
CA ARG A 59 4.94 -3.80 -8.35
C ARG A 59 6.25 -4.36 -7.80
N VAL A 60 7.07 -3.51 -7.18
CA VAL A 60 8.34 -3.98 -6.66
C VAL A 60 8.16 -4.83 -5.42
N ALA A 61 7.12 -4.56 -4.62
CA ALA A 61 6.87 -5.36 -3.43
C ALA A 61 6.44 -6.78 -3.80
N GLU A 62 5.75 -6.94 -4.93
CA GLU A 62 5.38 -8.27 -5.39
C GLU A 62 6.62 -9.07 -5.79
N VAL A 63 7.46 -8.48 -6.64
CA VAL A 63 8.60 -9.22 -7.16
C VAL A 63 9.67 -9.42 -6.09
N ALA A 64 9.82 -8.45 -5.19
CA ALA A 64 10.77 -8.62 -4.08
C ALA A 64 10.32 -9.74 -3.15
N ALA A 65 9.02 -9.86 -2.90
CA ALA A 65 8.52 -10.95 -2.08
C ALA A 65 8.63 -12.29 -2.80
N ARG A 66 8.39 -12.29 -4.11
CA ARG A 66 8.50 -13.53 -4.89
C ARG A 66 9.94 -14.01 -5.00
N ALA A 67 10.92 -13.12 -4.83
CA ALA A 67 12.32 -13.48 -4.89
C ALA A 67 12.96 -13.61 -3.52
N GLY A 68 12.16 -13.64 -2.46
CA GLY A 68 12.69 -13.75 -1.11
C GLY A 68 13.38 -12.52 -0.59
N ASN A 69 13.25 -11.38 -1.29
CA ASN A 69 13.91 -10.14 -0.87
C ASN A 69 13.05 -9.47 0.18
N VAL A 70 13.35 -9.77 1.45
CA VAL A 70 12.53 -9.26 2.55
C VAL A 70 12.80 -7.78 2.79
N GLU A 71 14.08 -7.37 2.69
CA GLU A 71 14.41 -5.98 2.96
C GLU A 71 13.90 -5.03 1.88
N ALA A 72 13.84 -5.49 0.62
CA ALA A 72 13.26 -4.66 -0.43
C ALA A 72 11.77 -4.48 -0.25
N VAL A 73 11.10 -5.47 0.37
CA VAL A 73 9.69 -5.31 0.70
C VAL A 73 9.52 -4.27 1.79
N LYS A 74 10.38 -4.27 2.80
CA LYS A 74 10.30 -3.28 3.86
C LYS A 74 10.62 -1.89 3.34
N GLU A 75 11.41 -1.78 2.27
CA GLU A 75 11.67 -0.48 1.67
C GLU A 75 10.45 0.04 0.91
N ALA A 76 9.68 -0.85 0.29
CA ALA A 76 8.47 -0.43 -0.40
C ALA A 76 7.42 0.06 0.58
N LEU A 77 7.29 -0.61 1.73
CA LEU A 77 6.33 -0.17 2.74
C LEU A 77 6.68 1.22 3.27
N ARG A 78 7.98 1.52 3.36
CA ARG A 78 8.40 2.85 3.79
C ARG A 78 8.03 3.91 2.75
N VAL A 79 8.21 3.60 1.48
CA VAL A 79 7.88 4.56 0.43
C VAL A 79 6.37 4.75 0.34
N ALA A 80 5.60 3.66 0.54
CA ALA A 80 4.15 3.77 0.51
C ALA A 80 3.63 4.75 1.56
N LEU A 81 4.30 4.83 2.71
CA LEU A 81 3.92 5.83 3.71
C LEU A 81 4.32 7.23 3.26
N GLU A 82 5.51 7.35 2.65
CA GLU A 82 6.01 8.67 2.27
C GLU A 82 5.19 9.30 1.16
N ILE A 83 4.65 8.50 0.24
CA ILE A 83 3.82 9.07 -0.81
C ILE A 83 2.51 9.58 -0.23
N VAL A 84 2.00 8.95 0.82
CA VAL A 84 0.76 9.39 1.44
C VAL A 84 0.96 10.74 2.13
N LYS A 85 2.00 10.84 2.95
CA LYS A 85 2.27 12.11 3.64
C LYS A 85 2.60 13.22 2.65
N GLU A 86 3.40 12.92 1.63
CA GLU A 86 3.71 13.93 0.62
C GLU A 86 2.46 14.33 -0.14
N ALA A 87 1.47 13.44 -0.22
CA ALA A 87 0.20 13.80 -0.84
C ALA A 87 -0.66 14.65 0.08
N MET A 88 -0.64 14.36 1.38
CA MET A 88 -1.42 15.15 2.34
C MET A 88 -0.92 16.60 2.37
N GLU A 89 0.37 16.82 2.12
CA GLU A 89 0.90 18.17 2.08
C GLU A 89 0.60 18.86 0.74
N LEU A 90 0.73 18.12 -0.36
CA LEU A 90 0.53 18.71 -1.69
C LEU A 90 -0.95 18.83 -2.03
N ILE A 91 -1.67 17.70 -2.01
CA ILE A 91 -3.04 17.67 -2.50
C ILE A 91 -3.94 18.46 -1.55
N LYS A 92 -4.68 19.42 -2.11
CA LYS A 92 -5.68 20.18 -1.36
C LYS A 92 -7.05 19.55 -1.40
N ASP A 93 -7.28 18.59 -2.28
CA ASP A 93 -8.57 17.92 -2.37
C ASP A 93 -8.68 16.86 -1.29
N PRO A 94 -9.62 16.97 -0.35
CA PRO A 94 -9.75 15.95 0.68
C PRO A 94 -10.17 14.59 0.13
N GLU A 95 -10.93 14.56 -0.96
CA GLU A 95 -11.36 13.28 -1.52
C GLU A 95 -10.22 12.56 -2.22
N ALA A 96 -9.27 13.31 -2.78
CA ALA A 96 -8.10 12.68 -3.39
C ALA A 96 -7.20 12.05 -2.34
N ILE A 97 -7.17 12.64 -1.13
CA ILE A 97 -6.40 12.05 -0.04
C ILE A 97 -7.03 10.73 0.40
N VAL A 98 -8.36 10.66 0.41
CA VAL A 98 -9.03 9.42 0.78
C VAL A 98 -8.70 8.32 -0.21
N ARG A 99 -8.73 8.62 -1.51
CA ARG A 99 -8.43 7.61 -2.52
C ARG A 99 -7.00 7.11 -2.39
N LEU A 100 -6.04 8.04 -2.29
CA LEU A 100 -4.64 7.65 -2.18
C LEU A 100 -4.35 6.91 -0.88
N ALA A 101 -5.08 7.22 0.19
CA ALA A 101 -4.87 6.53 1.46
C ALA A 101 -5.29 5.08 1.37
N LEU A 102 -6.50 4.83 0.86
CA LEU A 102 -6.96 3.45 0.72
C LEU A 102 -6.16 2.69 -0.33
N GLU A 103 -5.68 3.37 -1.36
CA GLU A 103 -4.83 2.71 -2.34
C GLU A 103 -3.52 2.25 -1.73
N ALA A 104 -3.02 2.96 -0.71
CA ALA A 104 -1.83 2.54 -0.02
C ALA A 104 -2.14 1.48 1.04
N VAL A 105 -3.26 1.63 1.75
CA VAL A 105 -3.69 0.60 2.68
C VAL A 105 -3.95 -0.71 1.95
N ARG A 106 -4.43 -0.63 0.71
CA ARG A 106 -4.66 -1.85 -0.07
C ARG A 106 -3.33 -2.54 -0.42
N VAL A 107 -2.28 -1.75 -0.68
CA VAL A 107 -1.00 -2.33 -1.05
C VAL A 107 -0.39 -3.08 0.12
N VAL A 108 -0.36 -2.46 1.30
CA VAL A 108 0.21 -3.12 2.47
C VAL A 108 -0.62 -4.31 2.91
N ALA A 109 -1.89 -4.38 2.50
CA ALA A 109 -2.72 -5.53 2.84
C ALA A 109 -2.47 -6.71 1.91
N GLU A 110 -2.13 -6.44 0.64
CA GLU A 110 -1.83 -7.52 -0.28
C GLU A 110 -0.51 -8.19 0.04
N VAL A 111 0.47 -7.43 0.53
CA VAL A 111 1.75 -8.01 0.90
C VAL A 111 1.63 -8.80 2.20
N ALA A 112 0.76 -8.35 3.11
CA ALA A 112 0.58 -9.07 4.37
C ALA A 112 -0.17 -10.37 4.16
N ALA A 113 -1.04 -10.45 3.16
CA ALA A 113 -1.76 -11.69 2.89
C ALA A 113 -0.83 -12.74 2.29
N ARG A 114 0.10 -12.32 1.43
CA ARG A 114 1.10 -13.26 0.94
C ARG A 114 2.04 -13.68 2.06
N ALA A 115 2.40 -12.74 2.94
CA ALA A 115 3.25 -13.04 4.08
C ALA A 115 2.50 -13.72 5.22
N GLY A 116 1.17 -13.78 5.15
CA GLY A 116 0.39 -14.45 6.18
C GLY A 116 0.58 -13.91 7.56
N ALA A 117 0.71 -12.58 7.69
CA ALA A 117 0.93 -11.98 9.00
C ALA A 117 -0.31 -12.10 9.88
N VAL A 118 -1.49 -12.23 9.28
CA VAL A 118 -2.76 -12.40 9.99
C VAL A 118 -3.06 -11.17 10.85
N GLU A 119 -2.17 -10.87 11.80
CA GLU A 119 -2.37 -9.70 12.65
C GLU A 119 -2.29 -8.41 11.84
N ALA A 120 -1.38 -8.35 10.88
CA ALA A 120 -1.28 -7.16 10.02
C ALA A 120 -2.44 -7.11 9.03
N VAL A 121 -2.92 -8.26 8.57
CA VAL A 121 -4.10 -8.30 7.71
C VAL A 121 -5.31 -7.80 8.46
N LYS A 122 -5.43 -8.16 9.75
CA LYS A 122 -6.54 -7.66 10.55
C LYS A 122 -6.46 -6.15 10.74
N VAL A 123 -5.26 -5.63 11.01
CA VAL A 123 -5.10 -4.20 11.23
C VAL A 123 -5.37 -3.44 9.94
N ALA A 124 -4.95 -3.99 8.80
CA ALA A 124 -5.21 -3.34 7.52
C ALA A 124 -6.71 -3.21 7.27
N LEU A 125 -7.47 -4.28 7.52
CA LEU A 125 -8.91 -4.20 7.39
C LEU A 125 -9.53 -3.32 8.46
N ARG A 126 -8.95 -3.30 9.66
CA ARG A 126 -9.43 -2.39 10.69
C ARG A 126 -9.19 -0.93 10.31
N VAL A 127 -8.00 -0.63 9.77
CA VAL A 127 -7.73 0.74 9.37
C VAL A 127 -8.58 1.14 8.17
N ALA A 128 -8.71 0.25 7.19
CA ALA A 128 -9.48 0.57 5.99
C ALA A 128 -10.93 0.89 6.31
N LEU A 129 -11.52 0.23 7.32
CA LEU A 129 -12.86 0.57 7.74
C LEU A 129 -12.92 1.93 8.41
N GLU A 130 -11.85 2.31 9.13
CA GLU A 130 -11.85 3.57 9.85
C GLU A 130 -11.70 4.74 8.88
N ILE A 131 -10.88 4.57 7.84
CA ILE A 131 -10.68 5.65 6.88
C ILE A 131 -11.98 5.96 6.16
N ALA A 132 -12.78 4.94 5.86
CA ALA A 132 -14.05 5.13 5.18
C ALA A 132 -15.14 5.67 6.09
N LYS A 133 -14.92 5.71 7.40
CA LYS A 133 -15.93 6.20 8.33
C LYS A 133 -15.93 7.73 8.39
N ILE A 134 -14.74 8.33 8.51
CA ILE A 134 -14.67 9.79 8.54
C ILE A 134 -14.98 10.37 7.17
N ALA A 135 -14.61 9.66 6.10
CA ALA A 135 -14.94 10.12 4.75
C ALA A 135 -16.46 10.12 4.53
N GLY A 136 -17.12 9.01 4.88
CA GLY A 136 -18.56 8.94 4.77
C GLY A 136 -19.10 9.00 3.36
N THR A 137 -18.27 8.70 2.36
CA THR A 137 -18.67 8.74 0.96
C THR A 137 -18.88 7.33 0.44
N GLU A 138 -19.73 7.22 -0.59
CA GLU A 138 -19.91 5.95 -1.27
C GLU A 138 -18.64 5.52 -1.99
N GLU A 139 -17.80 6.48 -2.38
CA GLU A 139 -16.51 6.13 -2.96
C GLU A 139 -15.59 5.49 -1.93
N ALA A 140 -15.68 5.91 -0.67
CA ALA A 140 -14.82 5.35 0.36
C ALA A 140 -15.16 3.89 0.66
N VAL A 141 -16.45 3.57 0.74
CA VAL A 141 -16.82 2.19 1.02
C VAL A 141 -16.58 1.30 -0.18
N ARG A 142 -16.64 1.86 -1.40
CA ARG A 142 -16.33 1.07 -2.58
C ARG A 142 -14.88 0.64 -2.58
N LEU A 143 -13.97 1.56 -2.25
CA LEU A 143 -12.56 1.20 -2.15
C LEU A 143 -12.26 0.39 -0.90
N ALA A 144 -13.04 0.58 0.17
CA ALA A 144 -12.85 -0.21 1.38
C ALA A 144 -13.23 -1.67 1.13
N LEU A 145 -14.31 -1.91 0.40
CA LEU A 145 -14.66 -3.26 0.00
C LEU A 145 -13.64 -3.86 -0.97
N GLU A 146 -12.86 -3.01 -1.65
CA GLU A 146 -11.84 -3.52 -2.55
C GLU A 146 -10.62 -4.03 -1.80
N VAL A 147 -10.31 -3.44 -0.64
CA VAL A 147 -9.23 -3.97 0.20
C VAL A 147 -9.61 -5.34 0.73
N VAL A 148 -10.89 -5.54 1.06
CA VAL A 148 -11.36 -6.85 1.48
C VAL A 148 -11.34 -7.83 0.31
N LYS A 149 -11.70 -7.35 -0.88
CA LYS A 149 -11.71 -8.21 -2.07
C LYS A 149 -10.31 -8.71 -2.40
N ARG A 150 -9.31 -7.83 -2.31
CA ARG A 150 -7.94 -8.23 -2.63
C ARG A 150 -7.35 -9.13 -1.55
N VAL A 151 -7.66 -8.86 -0.28
CA VAL A 151 -7.17 -9.71 0.80
C VAL A 151 -7.72 -11.12 0.66
N SER A 152 -9.01 -11.24 0.34
CA SER A 152 -9.62 -12.56 0.21
C SER A 152 -9.09 -13.29 -1.02
N ASP A 153 -8.83 -12.56 -2.11
CA ASP A 153 -8.33 -13.19 -3.33
C ASP A 153 -6.91 -13.69 -3.15
N ILE A 154 -6.01 -12.83 -2.66
CA ILE A 154 -4.61 -13.19 -2.55
C ILE A 154 -4.41 -14.28 -1.50
N ALA A 155 -5.19 -14.23 -0.40
CA ALA A 155 -5.07 -15.26 0.62
C ALA A 155 -5.53 -16.62 0.15
N LYS A 156 -6.43 -16.66 -0.84
CA LYS A 156 -6.90 -17.94 -1.36
C LYS A 156 -5.82 -18.61 -2.22
N LYS A 157 -5.22 -17.86 -3.15
CA LYS A 157 -4.17 -18.41 -3.98
C LYS A 157 -2.93 -18.77 -3.16
N ALA A 158 -2.77 -18.17 -1.98
CA ALA A 158 -1.68 -18.51 -1.08
C ALA A 158 -2.06 -19.62 -0.10
N GLY A 159 -3.33 -20.01 -0.03
CA GLY A 159 -3.74 -21.05 0.87
C GLY A 159 -3.75 -20.67 2.34
N ASN A 160 -3.63 -19.38 2.67
CA ASN A 160 -3.68 -18.92 4.05
C ASN A 160 -5.14 -18.79 4.46
N GLU A 161 -5.64 -19.78 5.18
CA GLU A 161 -7.05 -19.84 5.55
C GLU A 161 -7.42 -18.84 6.64
N ASP A 162 -6.44 -18.33 7.38
CA ASP A 162 -6.76 -17.40 8.46
C ASP A 162 -7.19 -16.03 7.93
N ALA A 163 -6.66 -15.63 6.77
CA ALA A 163 -6.97 -14.31 6.21
C ALA A 163 -8.27 -14.30 5.42
N VAL A 164 -8.55 -15.36 4.66
CA VAL A 164 -9.79 -15.43 3.91
C VAL A 164 -10.98 -15.50 4.87
N LYS A 165 -10.78 -16.08 6.04
CA LYS A 165 -11.83 -16.11 7.06
C LYS A 165 -12.06 -14.71 7.63
N GLU A 166 -10.97 -14.00 7.96
CA GLU A 166 -11.10 -12.64 8.48
C GLU A 166 -11.61 -11.69 7.41
N ALA A 167 -11.28 -11.93 6.14
CA ALA A 167 -11.77 -11.07 5.07
C ALA A 167 -13.27 -11.20 4.90
N GLU A 168 -13.80 -12.42 4.95
CA GLU A 168 -15.24 -12.64 4.79
C GLU A 168 -16.02 -12.05 5.95
N GLU A 169 -15.42 -11.99 7.15
CA GLU A 169 -16.08 -11.37 8.28
C GLU A 169 -16.22 -9.85 8.07
N VAL A 170 -15.10 -9.19 7.80
CA VAL A 170 -15.10 -7.73 7.64
C VAL A 170 -16.03 -7.32 6.51
N ARG A 171 -16.13 -8.15 5.46
CA ARG A 171 -17.08 -7.86 4.39
C ARG A 171 -18.51 -7.87 4.89
N LYS A 172 -18.84 -8.82 5.77
CA LYS A 172 -20.20 -8.90 6.31
C LYS A 172 -20.49 -7.83 7.34
N LYS A 173 -19.46 -7.23 7.94
CA LYS A 173 -19.69 -6.27 9.02
C LYS A 173 -20.23 -4.96 8.47
N ILE A 174 -19.69 -4.48 7.35
CA ILE A 174 -20.10 -3.19 6.80
C ILE A 174 -21.28 -3.31 5.86
N GLU A 175 -21.69 -4.54 5.50
CA GLU A 175 -22.95 -4.73 4.80
C GLU A 175 -24.16 -4.28 5.63
N GLU A 176 -24.01 -4.14 6.94
CA GLU A 176 -25.07 -3.60 7.78
C GLU A 176 -24.69 -2.22 8.34
N GLU B 185 13.25 -13.20 13.28
CA GLU B 185 13.14 -11.79 13.67
C GLU B 185 13.00 -10.92 12.43
N ALA B 186 13.54 -11.40 11.30
CA ALA B 186 13.42 -10.66 10.06
C ALA B 186 11.96 -10.57 9.61
N ARG B 187 11.19 -11.64 9.81
CA ARG B 187 9.76 -11.59 9.49
C ARG B 187 8.99 -10.81 10.54
N LYS B 188 9.46 -10.83 11.79
CA LYS B 188 8.85 -10.01 12.82
C LYS B 188 9.03 -8.52 12.53
N GLU B 189 10.18 -8.15 11.95
CA GLU B 189 10.40 -6.77 11.56
C GLU B 189 9.49 -6.37 10.40
N LEU B 190 9.22 -7.29 9.48
CA LEU B 190 8.31 -7.00 8.39
C LEU B 190 6.89 -6.79 8.90
N THR B 191 6.43 -7.63 9.83
CA THR B 191 5.09 -7.47 10.37
C THR B 191 5.00 -6.23 11.25
N ARG B 192 6.04 -5.94 12.02
CA ARG B 192 6.02 -4.76 12.90
C ARG B 192 5.93 -3.48 12.08
N GLU B 193 6.67 -3.39 10.97
CA GLU B 193 6.59 -2.20 10.13
C GLU B 193 5.24 -2.09 9.47
N MET B 194 4.61 -3.22 9.13
CA MET B 194 3.27 -3.17 8.54
C MET B 194 2.27 -2.56 9.50
N ILE B 195 2.33 -2.92 10.78
CA ILE B 195 1.43 -2.33 11.77
C ILE B 195 1.70 -0.84 11.93
N GLU B 196 2.97 -0.45 11.94
CA GLU B 196 3.33 0.94 12.15
C GLU B 196 2.91 1.81 10.97
N VAL B 197 3.28 1.41 9.75
CA VAL B 197 2.92 2.18 8.56
C VAL B 197 1.40 2.30 8.44
N LEU B 198 0.66 1.27 8.87
CA LEU B 198 -0.79 1.33 8.81
C LEU B 198 -1.35 2.35 9.81
N ARG B 199 -0.86 2.29 11.06
CA ARG B 199 -1.36 3.22 12.07
C ARG B 199 -0.91 4.65 11.81
N GLU B 200 0.23 4.83 11.12
CA GLU B 200 0.66 6.18 10.77
C GLU B 200 -0.25 6.78 9.69
N ILE B 201 -0.69 5.95 8.73
CA ILE B 201 -1.59 6.42 7.69
C ILE B 201 -2.93 6.83 8.29
N GLU B 202 -3.46 6.02 9.21
CA GLU B 202 -4.71 6.37 9.87
C GLU B 202 -4.56 7.63 10.72
N GLU B 203 -3.44 7.76 11.43
CA GLU B 203 -3.24 8.93 12.29
C GLU B 203 -3.20 10.21 11.46
N GLY B 204 -2.46 10.20 10.36
CA GLY B 204 -2.39 11.37 9.50
C GLY B 204 -3.70 11.72 8.83
N PHE B 205 -4.61 10.75 8.70
CA PHE B 205 -5.90 11.03 8.07
C PHE B 205 -6.90 11.60 9.08
N LYS B 206 -6.83 11.16 10.33
CA LYS B 206 -7.71 11.68 11.36
C LYS B 206 -7.36 13.11 11.77
N GLU B 207 -6.12 13.55 11.49
CA GLU B 207 -5.70 14.91 11.83
C GLU B 207 -6.17 15.92 10.81
N ARG B 208 -6.21 15.55 9.52
CA ARG B 208 -6.70 16.44 8.49
C ARG B 208 -8.22 16.59 8.52
N PHE B 209 -8.92 15.69 9.21
CA PHE B 209 -10.38 15.73 9.29
C PHE B 209 -10.85 15.92 10.73
#